data_3HBU
#
_entry.id   3HBU
#
_cell.length_a   102.112
_cell.length_b   102.112
_cell.length_c   122.863
_cell.angle_alpha   90.000
_cell.angle_beta   90.000
_cell.angle_gamma   120.000
#
_symmetry.space_group_name_H-M   'P 31 2 1'
#
loop_
_entity.id
_entity.type
_entity.pdbx_description
1 polymer 'Secreted protease C'
2 polymer peptide
3 non-polymer 'CALCIUM ION'
4 non-polymer 'ZINC ION'
5 non-polymer 'CHLORIDE ION'
6 water water
#
loop_
_entity_poly.entity_id
_entity_poly.type
_entity_poly.pdbx_seq_one_letter_code
_entity_poly.pdbx_strand_id
1 'polypeptide(L)'
;ANTSSAYNSVYDFLRYHDRGDGLTVNGKTSYSIDQAAAQITRENVSWNGTNVFGKSANLTFKFLQSVSSIPSGDTGFVKF
NAEQIEQAKLSLQSWSDVANLTFTEVTGNKSANITFGNYTRDASGNLDYGTQAYAYYPGNYQGAGSSWYNYNQSNIRNPG
SEEYGRQTFTHEIGHALGLAHPGEYNAGEGDPSYNDAVYAEDSYQFSIHSYWGENETGADYNGHYGGAPMIDDIAAIQRL
YGANMTTRTGDSVYGFNSNTDRDFYTATDSSKALIFSVWDAGGTDTFDFSGYSNNQRINLNEGSFSDVGGLKGNVSIAHG
VTIENAIGGSGNDILVGNSADNILQGGAGNDVLYGGAGADTLYGGAGRDTFVYGSGQDSTVAAYDWIADFQKGIDKIDLS
AFRNEGQLSFVQDQFTGKGQEVMLQWDAANSITNLWLHEAGHSSVDFLVRIVGQAAQSDIIV
;
P
2 'polypeptide(L)' AKAA Z
#
loop_
_chem_comp.id
_chem_comp.type
_chem_comp.name
_chem_comp.formula
CA non-polymer 'CALCIUM ION' 'Ca 2'
CL non-polymer 'CHLORIDE ION' 'Cl -1'
ZN non-polymer 'ZINC ION' 'Zn 2'
#
# COMPACT_ATOMS: atom_id res chain seq x y z
N ALA A 1 -11.10 13.98 28.27
CA ALA A 1 -11.11 13.21 27.04
C ALA A 1 -10.45 11.85 27.23
N ASN A 2 -10.62 11.28 28.41
CA ASN A 2 -10.09 9.96 28.71
C ASN A 2 -10.82 8.89 27.91
N THR A 3 -10.26 8.51 26.77
CA THR A 3 -10.86 7.47 25.95
C THR A 3 -10.23 6.12 26.23
N SER A 4 -10.90 5.05 25.80
CA SER A 4 -10.47 3.69 26.10
C SER A 4 -9.22 3.29 25.32
N SER A 5 -8.63 2.16 25.69
CA SER A 5 -7.42 1.68 25.03
C SER A 5 -7.70 1.23 23.60
N ALA A 6 -8.92 0.72 23.36
CA ALA A 6 -9.30 0.28 22.01
C ALA A 6 -9.48 1.47 21.07
N TYR A 7 -10.11 2.54 21.55
CA TYR A 7 -10.23 3.75 20.73
C TYR A 7 -8.85 4.36 20.47
N ASN A 8 -8.01 4.40 21.51
CA ASN A 8 -6.67 4.93 21.37
C ASN A 8 -5.86 4.23 20.28
N SER A 9 -6.03 2.91 20.17
CA SER A 9 -5.30 2.12 19.18
C SER A 9 -5.77 2.42 17.75
N VAL A 10 -7.05 2.75 17.60
CA VAL A 10 -7.57 3.19 16.32
C VAL A 10 -7.00 4.57 15.99
N TYR A 11 -7.13 5.49 16.95
CA TYR A 11 -6.62 6.84 16.81
C TYR A 11 -5.15 6.84 16.42
N ASP A 12 -4.34 6.06 17.13
CA ASP A 12 -2.90 6.00 16.86
C ASP A 12 -2.59 5.38 15.49
N PHE A 13 -3.28 4.29 15.16
CA PHE A 13 -3.07 3.59 13.90
C PHE A 13 -3.51 4.42 12.68
N LEU A 14 -4.54 5.23 12.87
CA LEU A 14 -4.96 6.17 11.83
C LEU A 14 -3.83 7.14 11.48
N ARG A 15 -2.96 7.41 12.45
CA ARG A 15 -1.87 8.37 12.28
C ARG A 15 -0.50 7.71 12.08
N TYR A 16 -0.53 6.40 11.85
CA TYR A 16 0.64 5.62 11.49
C TYR A 16 1.32 6.26 10.28
N HIS A 17 2.60 6.58 10.41
CA HIS A 17 3.37 7.12 9.29
C HIS A 17 2.81 8.42 8.70
N ASP A 18 2.22 9.26 9.54
CA ASP A 18 1.83 10.60 9.08
C ASP A 18 3.03 11.26 8.39
N ARG A 19 2.74 12.02 7.34
CA ARG A 19 3.81 12.60 6.52
C ARG A 19 3.44 13.98 6.00
N GLY A 20 4.45 14.79 5.69
CA GLY A 20 4.24 16.15 5.22
C GLY A 20 3.73 17.05 6.32
N ASP A 21 3.10 18.15 5.92
CA ASP A 21 2.48 19.09 6.87
C ASP A 21 3.47 19.62 7.92
N GLY A 22 4.69 19.90 7.49
CA GLY A 22 5.68 20.50 8.37
C GLY A 22 6.23 19.55 9.43
N LEU A 23 5.87 18.28 9.32
CA LEU A 23 6.35 17.27 10.26
C LEU A 23 7.84 16.99 10.04
N THR A 24 8.49 16.48 11.08
CA THR A 24 9.88 16.06 10.98
C THR A 24 10.04 14.63 11.46
N VAL A 25 10.31 13.72 10.54
CA VAL A 25 10.47 12.31 10.87
C VAL A 25 11.93 11.88 10.74
N ASN A 26 12.46 11.25 11.80
CA ASN A 26 13.85 10.83 11.80
C ASN A 26 14.82 12.00 11.72
N GLY A 27 14.38 13.17 12.19
CA GLY A 27 15.20 14.36 12.17
C GLY A 27 15.30 14.99 10.78
N LYS A 28 14.52 14.45 9.85
CA LYS A 28 14.50 14.97 8.48
C LYS A 28 13.15 15.58 8.15
N THR A 29 13.13 16.47 7.16
CA THR A 29 11.87 17.05 6.70
C THR A 29 10.99 15.92 6.15
N SER A 30 9.69 15.99 6.44
CA SER A 30 8.75 14.98 5.98
C SER A 30 8.06 15.42 4.69
N TYR A 31 8.13 14.56 3.68
CA TYR A 31 7.49 14.82 2.38
C TYR A 31 6.12 14.15 2.29
N SER A 32 5.17 14.84 1.66
CA SER A 32 3.88 14.25 1.33
C SER A 32 4.10 13.30 0.16
N ILE A 33 3.11 12.47 -0.15
CA ILE A 33 3.19 11.60 -1.32
C ILE A 33 3.65 12.41 -2.52
N ASP A 34 3.03 13.57 -2.70
CA ASP A 34 3.25 14.40 -3.87
C ASP A 34 4.62 15.09 -3.91
N GLN A 35 5.05 15.61 -2.76
CA GLN A 35 6.38 16.19 -2.67
C GLN A 35 7.45 15.13 -2.98
N ALA A 36 7.17 13.90 -2.55
CA ALA A 36 8.08 12.78 -2.83
C ALA A 36 8.07 12.44 -4.32
N ALA A 37 6.88 12.48 -4.93
CA ALA A 37 6.72 12.20 -6.36
C ALA A 37 7.45 13.22 -7.23
N ALA A 38 7.30 14.50 -6.88
CA ALA A 38 7.96 15.57 -7.62
C ALA A 38 9.47 15.44 -7.51
N GLN A 39 9.94 15.02 -6.33
CA GLN A 39 11.37 14.78 -6.10
C GLN A 39 11.86 13.63 -6.97
N ILE A 40 11.06 12.56 -7.04
CA ILE A 40 11.41 11.38 -7.82
C ILE A 40 11.40 11.64 -9.33
N THR A 41 10.53 12.57 -9.77
CA THR A 41 10.47 12.95 -11.17
C THR A 41 11.24 14.24 -11.44
N ARG A 42 12.18 14.57 -10.56
CA ARG A 42 12.88 15.86 -10.61
C ARG A 42 13.65 16.09 -11.91
N GLU A 43 14.04 15.00 -12.58
CA GLU A 43 14.72 15.14 -13.86
C GLU A 43 13.78 15.79 -14.86
N ASN A 44 12.48 15.70 -14.57
CA ASN A 44 11.46 16.24 -15.47
C ASN A 44 11.65 15.71 -16.88
N VAL A 45 11.82 14.40 -16.98
CA VAL A 45 12.01 13.75 -18.26
C VAL A 45 11.11 12.53 -18.37
N SER A 46 10.48 12.37 -19.52
CA SER A 46 9.74 11.15 -19.82
C SER A 46 9.99 10.84 -21.28
N TRP A 47 9.41 9.76 -21.77
CA TRP A 47 9.52 9.42 -23.18
C TRP A 47 8.82 10.42 -24.09
N ASN A 48 8.01 11.29 -23.49
CA ASN A 48 7.30 12.31 -24.27
C ASN A 48 8.04 13.65 -24.31
N GLY A 49 9.15 13.73 -23.60
CA GLY A 49 9.96 14.94 -23.59
C GLY A 49 10.23 15.46 -22.19
N THR A 50 10.51 16.75 -22.07
CA THR A 50 10.77 17.36 -20.78
C THR A 50 9.58 18.18 -20.31
N ASN A 51 9.27 18.09 -19.02
CA ASN A 51 8.11 18.79 -18.46
C ASN A 51 6.84 18.54 -19.26
N VAL A 52 6.66 17.29 -19.67
CA VAL A 52 5.45 16.86 -20.36
C VAL A 52 4.71 15.92 -19.41
N PHE A 53 3.53 16.35 -18.95
CA PHE A 53 2.84 15.63 -17.87
C PHE A 53 1.50 15.06 -18.27
N GLY A 54 1.17 13.92 -17.69
CA GLY A 54 -0.14 13.32 -17.91
C GLY A 54 -0.35 12.85 -19.33
N LYS A 55 0.72 12.55 -20.06
CA LYS A 55 0.58 12.08 -21.43
C LYS A 55 1.02 10.62 -21.57
N SER A 56 0.16 9.79 -22.17
CA SER A 56 0.43 8.36 -22.28
C SER A 56 1.62 8.13 -23.21
N ALA A 57 2.14 6.92 -23.18
CA ALA A 57 3.18 6.54 -24.13
C ALA A 57 3.04 5.10 -24.55
N ASN A 58 3.32 4.83 -25.83
CA ASN A 58 3.37 3.48 -26.36
C ASN A 58 4.82 3.17 -26.64
N LEU A 59 5.41 2.26 -25.87
CA LEU A 59 6.85 2.02 -25.88
C LEU A 59 7.20 0.62 -26.35
N THR A 60 8.41 0.47 -26.89
CA THR A 60 8.91 -0.82 -27.32
C THR A 60 10.00 -1.28 -26.36
N PHE A 61 10.18 -2.58 -26.22
CA PHE A 61 11.28 -3.10 -25.39
C PHE A 61 11.96 -4.26 -26.11
N LYS A 62 13.21 -4.54 -25.75
CA LYS A 62 13.96 -5.56 -26.49
C LYS A 62 14.96 -6.22 -25.56
N PHE A 63 15.06 -7.55 -25.66
CA PHE A 63 16.12 -8.28 -24.97
C PHE A 63 17.28 -8.40 -25.93
N LEU A 64 18.34 -7.63 -25.67
CA LEU A 64 19.45 -7.58 -26.60
C LEU A 64 20.07 -8.96 -26.74
N GLN A 65 20.40 -9.35 -27.96
CA GLN A 65 21.07 -10.63 -28.20
C GLN A 65 22.56 -10.48 -28.42
N SER A 66 22.99 -9.23 -28.67
CA SER A 66 24.40 -8.93 -28.88
C SER A 66 24.53 -7.41 -28.76
N VAL A 67 25.74 -6.90 -28.58
CA VAL A 67 25.95 -5.46 -28.55
C VAL A 67 27.27 -5.12 -29.22
N SER A 68 27.39 -3.88 -29.70
CA SER A 68 28.68 -3.40 -30.19
C SER A 68 29.46 -2.84 -29.00
N SER A 69 28.74 -2.18 -28.10
CA SER A 69 29.33 -1.74 -26.83
C SER A 69 28.23 -1.51 -25.81
N ILE A 70 28.60 -1.46 -24.54
CA ILE A 70 27.68 -1.08 -23.47
C ILE A 70 27.98 0.38 -23.10
N PRO A 71 26.95 1.22 -22.99
CA PRO A 71 27.17 2.68 -22.87
C PRO A 71 28.02 3.09 -21.66
N SER A 72 28.02 2.27 -20.63
CA SER A 72 28.74 2.55 -19.40
C SER A 72 30.23 2.24 -19.52
N GLY A 73 30.61 1.46 -20.52
CA GLY A 73 31.99 1.01 -20.62
C GLY A 73 32.20 -0.38 -20.05
N ASP A 74 31.20 -0.91 -19.34
CA ASP A 74 31.34 -2.28 -18.86
C ASP A 74 31.40 -3.20 -20.07
N THR A 75 31.89 -4.42 -19.87
CA THR A 75 32.10 -5.36 -20.97
C THR A 75 31.61 -6.75 -20.58
N GLY A 76 31.84 -7.74 -21.43
CA GLY A 76 31.41 -9.08 -21.07
C GLY A 76 29.90 -9.21 -21.16
N PHE A 77 29.32 -8.71 -22.23
CA PHE A 77 27.86 -8.83 -22.41
C PHE A 77 27.39 -10.29 -22.35
N VAL A 78 26.24 -10.49 -21.70
CA VAL A 78 25.52 -11.77 -21.71
C VAL A 78 24.05 -11.45 -21.88
N LYS A 79 23.38 -12.10 -22.83
CA LYS A 79 21.96 -11.83 -23.06
C LYS A 79 21.09 -12.36 -21.94
N PHE A 80 19.85 -11.87 -21.87
CA PHE A 80 18.90 -12.35 -20.85
C PHE A 80 18.59 -13.84 -20.99
N ASN A 81 18.54 -14.54 -19.86
CA ASN A 81 18.07 -15.93 -19.85
C ASN A 81 16.54 -16.00 -19.73
N ALA A 82 15.98 -17.19 -19.84
CA ALA A 82 14.52 -17.32 -19.92
C ALA A 82 13.82 -16.79 -18.67
N GLU A 83 14.40 -17.05 -17.52
CA GLU A 83 13.81 -16.60 -16.26
C GLU A 83 13.85 -15.08 -16.17
N GLN A 84 14.97 -14.49 -16.57
CA GLN A 84 15.05 -13.03 -16.57
C GLN A 84 13.99 -12.42 -17.50
N ILE A 85 13.79 -13.05 -18.66
CA ILE A 85 12.79 -12.55 -19.60
C ILE A 85 11.40 -12.58 -18.96
N GLU A 86 11.09 -13.70 -18.32
CA GLU A 86 9.76 -13.78 -17.71
C GLU A 86 9.56 -12.75 -16.60
N GLN A 87 10.57 -12.60 -15.75
CA GLN A 87 10.44 -11.67 -14.63
C GLN A 87 10.45 -10.23 -15.10
N ALA A 88 11.23 -9.93 -16.13
CA ALA A 88 11.24 -8.57 -16.66
C ALA A 88 9.86 -8.23 -17.24
N LYS A 89 9.21 -9.18 -17.91
CA LYS A 89 7.88 -8.89 -18.45
C LYS A 89 6.89 -8.65 -17.31
N LEU A 90 7.05 -9.35 -16.20
CA LEU A 90 6.17 -9.13 -15.04
C LEU A 90 6.43 -7.74 -14.44
N SER A 91 7.70 -7.34 -14.40
CA SER A 91 8.01 -5.97 -13.96
C SER A 91 7.39 -4.93 -14.88
N LEU A 92 7.51 -5.12 -16.20
CA LEU A 92 6.90 -4.18 -17.15
C LEU A 92 5.40 -4.09 -16.89
N GLN A 93 4.79 -5.24 -16.68
CA GLN A 93 3.33 -5.28 -16.44
C GLN A 93 2.95 -4.51 -15.18
N SER A 94 3.77 -4.60 -14.14
CA SER A 94 3.45 -3.88 -12.90
C SER A 94 3.51 -2.35 -13.11
N TRP A 95 4.27 -1.89 -14.10
CA TRP A 95 4.23 -0.48 -14.44
C TRP A 95 3.03 -0.12 -15.34
N SER A 96 2.79 -0.92 -16.37
CA SER A 96 1.66 -0.62 -17.27
C SER A 96 0.32 -0.79 -16.54
N ASP A 97 0.30 -1.56 -15.44
CA ASP A 97 -0.93 -1.66 -14.64
C ASP A 97 -1.32 -0.30 -14.05
N VAL A 98 -0.33 0.52 -13.69
CA VAL A 98 -0.65 1.71 -12.89
C VAL A 98 -0.65 3.01 -13.70
N ALA A 99 0.07 3.00 -14.81
CA ALA A 99 0.15 4.21 -15.63
C ALA A 99 -0.19 3.92 -17.08
N ASN A 100 -0.47 4.97 -17.83
CA ASN A 100 -0.90 4.79 -19.20
C ASN A 100 0.28 4.56 -20.13
N LEU A 101 0.82 3.34 -20.02
CA LEU A 101 1.97 2.89 -20.78
C LEU A 101 1.60 1.59 -21.46
N THR A 102 2.00 1.43 -22.72
CA THR A 102 1.89 0.11 -23.32
C THR A 102 3.29 -0.34 -23.72
N PHE A 103 3.55 -1.63 -23.57
CA PHE A 103 4.86 -2.17 -23.89
C PHE A 103 4.73 -3.25 -24.93
N THR A 104 5.48 -3.11 -26.02
CA THR A 104 5.46 -4.09 -27.10
C THR A 104 6.89 -4.53 -27.39
N GLU A 105 7.09 -5.85 -27.37
CA GLU A 105 8.43 -6.38 -27.63
C GLU A 105 8.83 -6.29 -29.10
N VAL A 106 10.07 -5.89 -29.34
CA VAL A 106 10.60 -5.96 -30.68
C VAL A 106 11.82 -6.86 -30.68
N THR A 107 12.14 -7.43 -31.84
CA THR A 107 13.29 -8.31 -31.94
C THR A 107 14.12 -7.94 -33.16
N GLY A 108 15.15 -8.73 -33.45
CA GLY A 108 15.97 -8.47 -34.62
C GLY A 108 16.67 -7.13 -34.53
N ASN A 109 16.73 -6.40 -35.64
CA ASN A 109 17.49 -5.15 -35.68
C ASN A 109 16.67 -3.92 -35.35
N LYS A 110 15.40 -4.10 -35.03
CA LYS A 110 14.56 -2.99 -34.65
C LYS A 110 15.09 -2.28 -33.40
N SER A 111 15.02 -0.96 -33.39
CA SER A 111 15.40 -0.21 -32.21
C SER A 111 14.28 -0.30 -31.18
N ALA A 112 14.61 -0.07 -29.91
CA ALA A 112 13.61 -0.15 -28.85
C ALA A 112 13.79 0.98 -27.85
N ASN A 113 12.70 1.42 -27.24
CA ASN A 113 12.82 2.43 -26.21
C ASN A 113 13.56 1.87 -25.02
N ILE A 114 13.14 0.70 -24.57
CA ILE A 114 13.74 0.12 -23.37
C ILE A 114 14.45 -1.17 -23.73
N THR A 115 15.70 -1.34 -23.28
CA THR A 115 16.40 -2.58 -23.58
C THR A 115 16.94 -3.22 -22.33
N PHE A 116 17.18 -4.52 -22.43
CA PHE A 116 17.66 -5.32 -21.32
C PHE A 116 18.89 -6.11 -21.75
N GLY A 117 19.92 -6.13 -20.90
CA GLY A 117 21.13 -6.90 -21.17
C GLY A 117 21.92 -7.06 -19.89
N ASN A 118 22.79 -8.07 -19.82
CA ASN A 118 23.64 -8.25 -18.65
C ASN A 118 25.09 -7.90 -19.02
N TYR A 119 25.89 -7.59 -18.02
CA TYR A 119 27.34 -7.45 -18.20
C TYR A 119 28.05 -8.31 -17.15
N THR A 120 29.36 -8.52 -17.30
CA THR A 120 30.08 -9.36 -16.35
C THR A 120 31.45 -8.81 -15.99
N ARG A 121 31.92 -7.80 -16.72
CA ARG A 121 33.29 -7.31 -16.50
C ARG A 121 33.34 -5.79 -16.58
N ASP A 122 34.39 -5.19 -16.06
CA ASP A 122 34.50 -3.73 -16.19
C ASP A 122 35.20 -3.32 -17.48
N ALA A 123 35.42 -2.04 -17.65
CA ALA A 123 36.06 -1.53 -18.87
C ALA A 123 37.49 -2.04 -19.04
N SER A 124 38.12 -2.42 -17.93
CA SER A 124 39.48 -2.97 -17.97
C SER A 124 39.49 -4.45 -18.34
N GLY A 125 38.30 -5.04 -18.44
CA GLY A 125 38.17 -6.44 -18.76
C GLY A 125 38.31 -7.38 -17.56
N ASN A 126 38.25 -6.83 -16.34
CA ASN A 126 38.32 -7.67 -15.14
C ASN A 126 36.94 -8.03 -14.63
N LEU A 127 36.80 -9.22 -14.07
CA LEU A 127 35.50 -9.69 -13.59
C LEU A 127 34.95 -8.72 -12.56
N ASP A 128 33.67 -8.42 -12.68
CA ASP A 128 32.98 -7.54 -11.72
C ASP A 128 31.94 -8.38 -11.02
N TYR A 129 32.23 -8.77 -9.77
CA TYR A 129 31.20 -9.52 -9.03
C TYR A 129 30.51 -8.65 -7.98
N GLY A 130 30.87 -7.37 -7.93
CA GLY A 130 30.37 -6.48 -6.90
C GLY A 130 29.18 -5.59 -7.20
N THR A 131 29.08 -5.10 -8.44
CA THR A 131 27.99 -4.17 -8.78
C THR A 131 26.68 -4.92 -9.06
N GLN A 132 25.60 -4.17 -9.23
CA GLN A 132 24.27 -4.78 -9.33
C GLN A 132 23.59 -4.48 -10.66
N ALA A 133 23.33 -3.20 -10.93
CA ALA A 133 22.58 -2.84 -12.12
C ALA A 133 22.57 -1.33 -12.30
N TYR A 134 22.22 -0.87 -13.49
CA TYR A 134 21.98 0.56 -13.72
C TYR A 134 21.13 0.75 -14.95
N ALA A 135 20.61 1.96 -15.15
CA ALA A 135 19.75 2.20 -16.29
C ALA A 135 19.85 3.65 -16.71
N TYR A 136 19.48 3.92 -17.96
CA TYR A 136 19.62 5.26 -18.50
C TYR A 136 18.26 5.90 -18.74
N TYR A 137 18.12 7.18 -18.39
CA TYR A 137 16.87 7.93 -18.60
C TYR A 137 16.43 7.99 -20.05
N PRO A 138 15.13 8.22 -20.28
CA PRO A 138 14.64 8.43 -21.63
C PRO A 138 15.39 9.58 -22.29
N GLY A 139 15.46 9.56 -23.61
CA GLY A 139 16.13 10.61 -24.35
C GLY A 139 16.39 10.17 -25.77
N ASN A 140 17.11 10.99 -26.52
CA ASN A 140 17.44 10.69 -27.90
C ASN A 140 18.88 10.25 -28.05
N TYR A 141 19.61 10.28 -26.94
CA TYR A 141 21.03 9.96 -26.94
C TYR A 141 21.28 8.45 -26.98
N GLN A 142 22.50 8.08 -27.31
CA GLN A 142 22.87 6.67 -27.45
C GLN A 142 22.77 5.97 -26.10
N GLY A 143 21.92 4.95 -26.02
CA GLY A 143 21.78 4.19 -24.80
C GLY A 143 20.61 4.61 -23.95
N ALA A 144 19.90 5.67 -24.35
CA ALA A 144 18.75 6.13 -23.57
C ALA A 144 17.77 4.97 -23.42
N GLY A 145 17.26 4.78 -22.21
CA GLY A 145 16.30 3.70 -21.97
C GLY A 145 16.91 2.32 -21.77
N SER A 146 18.23 2.20 -21.89
CA SER A 146 18.84 0.88 -21.75
C SER A 146 19.04 0.54 -20.27
N SER A 147 18.90 -0.75 -19.94
CA SER A 147 19.09 -1.16 -18.56
C SER A 147 20.02 -2.38 -18.55
N TRP A 148 20.85 -2.46 -17.54
CA TRP A 148 21.99 -3.37 -17.55
C TRP A 148 22.17 -3.98 -16.18
N TYR A 149 22.47 -5.28 -16.15
CA TYR A 149 22.46 -6.01 -14.88
C TYR A 149 23.67 -6.93 -14.79
N ASN A 150 24.16 -7.13 -13.57
CA ASN A 150 25.40 -7.88 -13.40
C ASN A 150 25.15 -9.37 -13.36
N TYR A 151 25.54 -10.09 -14.41
CA TYR A 151 25.20 -11.51 -14.51
C TYR A 151 25.95 -12.34 -13.49
N ASN A 152 26.96 -11.74 -12.84
CA ASN A 152 27.68 -12.48 -11.81
C ASN A 152 26.98 -12.46 -10.47
N GLN A 153 25.86 -11.75 -10.39
CA GLN A 153 25.00 -11.77 -9.20
C GLN A 153 23.96 -12.86 -9.35
N SER A 154 23.87 -13.78 -8.39
CA SER A 154 22.83 -14.80 -8.49
C SER A 154 21.43 -14.19 -8.51
N ASN A 155 21.22 -13.06 -7.81
CA ASN A 155 19.86 -12.50 -7.78
C ASN A 155 19.43 -12.01 -9.17
N ILE A 156 20.42 -11.57 -9.96
CA ILE A 156 20.15 -11.12 -11.33
C ILE A 156 19.87 -12.32 -12.25
N ARG A 157 20.61 -13.41 -12.08
CA ARG A 157 20.37 -14.59 -12.92
C ARG A 157 19.08 -15.31 -12.56
N ASN A 158 18.68 -15.22 -11.29
CA ASN A 158 17.57 -15.99 -10.75
C ASN A 158 16.50 -15.08 -10.15
N PRO A 159 15.97 -14.13 -10.93
CA PRO A 159 15.12 -13.10 -10.31
C PRO A 159 13.76 -13.64 -9.87
N GLY A 160 13.40 -14.83 -10.35
CA GLY A 160 12.14 -15.45 -9.95
C GLY A 160 12.19 -16.14 -8.60
N SER A 161 13.41 -16.41 -8.12
CA SER A 161 13.56 -17.05 -6.81
C SER A 161 14.34 -16.19 -5.82
N GLU A 162 14.99 -15.16 -6.32
CA GLU A 162 15.74 -14.24 -5.47
C GLU A 162 15.11 -12.86 -5.62
N GLU A 163 14.31 -12.49 -4.62
CA GLU A 163 13.42 -11.33 -4.71
C GLU A 163 14.09 -10.03 -5.09
N TYR A 164 15.34 -9.85 -4.70
CA TYR A 164 16.03 -8.61 -5.05
C TYR A 164 16.22 -8.44 -6.56
N GLY A 165 16.30 -9.56 -7.27
CA GLY A 165 16.46 -9.50 -8.72
C GLY A 165 15.22 -8.91 -9.39
N ARG A 166 14.07 -9.41 -9.00
CA ARG A 166 12.82 -8.88 -9.54
C ARG A 166 12.66 -7.40 -9.16
N GLN A 167 12.95 -7.05 -7.91
CA GLN A 167 12.85 -5.64 -7.51
C GLN A 167 13.80 -4.78 -8.34
N THR A 168 15.00 -5.29 -8.58
CA THR A 168 15.96 -4.54 -9.38
C THR A 168 15.44 -4.28 -10.80
N PHE A 169 14.79 -5.29 -11.39
CA PHE A 169 14.20 -5.07 -12.72
C PHE A 169 13.17 -3.93 -12.66
N THR A 170 12.30 -3.98 -11.66
CA THR A 170 11.24 -2.97 -11.58
C THR A 170 11.85 -1.59 -11.41
N HIS A 171 12.84 -1.52 -10.54
CA HIS A 171 13.61 -0.32 -10.22
CA HIS A 171 13.55 -0.29 -10.24
C HIS A 171 14.27 0.26 -11.47
N GLU A 172 15.03 -0.58 -12.17
CA GLU A 172 15.75 -0.13 -13.37
C GLU A 172 14.80 0.34 -14.46
N ILE A 173 13.72 -0.40 -14.67
CA ILE A 173 12.71 0.03 -15.63
C ILE A 173 12.14 1.38 -15.24
N GLY A 174 11.92 1.60 -13.95
CA GLY A 174 11.46 2.90 -13.49
C GLY A 174 12.40 4.03 -13.95
N HIS A 175 13.71 3.85 -13.76
CA HIS A 175 14.70 4.84 -14.21
C HIS A 175 14.55 4.99 -15.77
N ALA A 176 14.39 3.86 -16.48
CA ALA A 176 14.26 3.89 -17.95
C ALA A 176 12.96 4.56 -18.44
N LEU A 177 12.02 4.78 -17.51
CA LEU A 177 10.77 5.48 -17.80
C LEU A 177 10.84 6.96 -17.42
N GLY A 178 11.90 7.33 -16.70
CA GLY A 178 12.09 8.73 -16.32
C GLY A 178 12.06 9.02 -14.84
N LEU A 179 11.92 7.99 -13.99
CA LEU A 179 11.93 8.22 -12.54
C LEU A 179 13.36 8.30 -11.99
N ALA A 180 13.57 9.17 -11.01
CA ALA A 180 14.88 9.27 -10.37
C ALA A 180 14.89 8.79 -8.91
N HIS A 181 16.06 8.38 -8.42
CA HIS A 181 16.22 8.05 -7.01
C HIS A 181 15.89 9.25 -6.15
N PRO A 182 15.17 9.05 -5.05
CA PRO A 182 14.72 10.13 -4.16
C PRO A 182 15.85 11.08 -3.75
N GLY A 183 17.04 10.54 -3.51
CA GLY A 183 18.16 11.36 -3.09
C GLY A 183 19.24 11.46 -4.15
N GLU A 184 19.96 12.58 -4.14
CA GLU A 184 21.06 12.78 -5.08
C GLU A 184 22.26 11.90 -4.73
N TYR A 185 22.11 10.61 -4.97
CA TYR A 185 23.17 9.65 -4.73
C TYR A 185 23.13 8.58 -5.81
N ASN A 186 24.25 7.86 -5.96
CA ASN A 186 24.37 6.87 -7.02
C ASN A 186 25.50 5.89 -6.73
N ALA A 187 25.33 4.65 -7.19
CA ALA A 187 26.35 3.62 -6.97
C ALA A 187 27.63 3.96 -7.71
N GLY A 188 28.71 4.10 -6.95
CA GLY A 188 30.02 4.42 -7.51
C GLY A 188 30.54 5.77 -7.04
N GLU A 189 29.63 6.62 -6.59
CA GLU A 189 29.99 7.95 -6.13
C GLU A 189 30.06 8.01 -4.60
N GLY A 190 31.26 7.85 -4.06
CA GLY A 190 31.47 7.92 -2.63
C GLY A 190 30.79 6.81 -1.85
N ASP A 191 30.09 7.18 -0.78
CA ASP A 191 29.38 6.21 0.04
C ASP A 191 28.19 6.83 0.79
N PRO A 192 27.09 7.10 0.08
CA PRO A 192 25.89 7.68 0.68
C PRO A 192 25.26 6.77 1.74
N SER A 193 24.59 7.38 2.72
CA SER A 193 23.85 6.64 3.74
C SER A 193 22.49 7.29 3.96
N TYR A 194 21.62 6.66 4.75
CA TYR A 194 20.29 7.21 5.00
C TYR A 194 20.36 8.60 5.63
N ASN A 195 21.54 8.95 6.15
CA ASN A 195 21.78 10.28 6.69
C ASN A 195 21.88 11.31 5.57
N ASP A 196 22.08 10.83 4.35
CA ASP A 196 22.16 11.69 3.17
C ASP A 196 20.82 11.82 2.47
N ALA A 197 19.77 11.34 3.12
CA ALA A 197 18.43 11.35 2.53
C ALA A 197 17.76 12.72 2.64
N VAL A 198 17.33 13.24 1.50
CA VAL A 198 16.67 14.54 1.45
C VAL A 198 15.55 14.63 2.48
N TYR A 199 14.62 13.69 2.40
CA TYR A 199 13.45 13.67 3.28
C TYR A 199 13.34 12.32 4.00
N ALA A 200 12.48 12.28 5.01
CA ALA A 200 12.35 11.09 5.85
C ALA A 200 11.87 9.85 5.10
N GLU A 201 10.96 10.05 4.15
CA GLU A 201 10.32 8.94 3.45
C GLU A 201 11.20 8.36 2.34
N ASP A 202 12.50 8.61 2.45
CA ASP A 202 13.49 8.05 1.52
C ASP A 202 13.88 6.64 1.98
N SER A 203 13.03 5.66 1.69
CA SER A 203 13.29 4.27 2.06
C SER A 203 12.41 3.32 1.24
N TYR A 204 12.76 2.03 1.25
CA TYR A 204 12.02 1.03 0.48
C TYR A 204 10.53 1.03 0.80
N GLN A 205 10.17 1.53 1.99
CA GLN A 205 8.75 1.56 2.38
C GLN A 205 7.93 2.44 1.42
N PHE A 206 8.55 3.52 0.96
CA PHE A 206 7.84 4.52 0.16
C PHE A 206 8.17 4.46 -1.32
N SER A 207 9.39 4.05 -1.65
CA SER A 207 9.85 3.98 -3.04
C SER A 207 10.92 2.90 -3.20
N ILE A 208 10.80 2.06 -4.22
CA ILE A 208 11.85 1.07 -4.47
C ILE A 208 13.04 1.69 -5.16
N HIS A 209 12.96 2.98 -5.44
CA HIS A 209 14.08 3.72 -6.04
C HIS A 209 15.02 4.26 -4.96
N SER A 210 14.61 4.12 -3.70
CA SER A 210 15.44 4.52 -2.58
C SER A 210 16.66 3.59 -2.47
N TYR A 211 17.74 4.10 -1.90
CA TYR A 211 18.89 3.25 -1.59
C TYR A 211 18.81 2.65 -0.19
N TRP A 212 17.86 3.12 0.62
CA TRP A 212 17.81 2.78 2.04
C TRP A 212 16.70 1.78 2.39
N GLY A 213 17.05 0.81 3.23
CA GLY A 213 16.14 -0.25 3.63
C GLY A 213 14.92 0.26 4.37
N GLU A 214 13.84 -0.52 4.30
CA GLU A 214 12.57 -0.13 4.91
C GLU A 214 12.70 0.06 6.42
N ASN A 215 13.73 -0.55 7.01
CA ASN A 215 13.95 -0.42 8.45
C ASN A 215 14.29 1.01 8.87
N GLU A 216 14.88 1.78 7.96
CA GLU A 216 15.24 3.17 8.26
C GLU A 216 14.00 4.02 8.61
N THR A 217 12.83 3.60 8.16
CA THR A 217 11.58 4.32 8.48
C THR A 217 10.66 3.57 9.45
N GLY A 218 11.18 2.50 10.05
CA GLY A 218 10.41 1.76 11.05
C GLY A 218 9.50 0.69 10.46
N ALA A 219 9.66 0.43 9.16
CA ALA A 219 8.99 -0.70 8.54
C ALA A 219 9.91 -1.91 8.70
N ASP A 220 9.38 -3.10 8.50
CA ASP A 220 10.19 -4.30 8.68
C ASP A 220 9.70 -5.41 7.77
N TYR A 221 10.45 -5.72 6.73
CA TYR A 221 10.04 -6.73 5.75
C TYR A 221 10.79 -8.04 5.94
N ASN A 222 11.53 -8.15 7.04
CA ASN A 222 12.09 -9.43 7.43
C ASN A 222 12.93 -10.10 6.33
N GLY A 223 13.69 -9.30 5.59
CA GLY A 223 14.59 -9.86 4.58
C GLY A 223 14.00 -10.05 3.20
N HIS A 224 12.73 -9.67 3.02
CA HIS A 224 12.07 -9.79 1.73
C HIS A 224 12.14 -8.48 0.96
N TYR A 225 11.91 -8.53 -0.34
CA TYR A 225 11.97 -7.35 -1.20
C TYR A 225 10.72 -7.24 -2.05
N GLY A 226 10.09 -6.06 -2.02
CA GLY A 226 8.87 -5.84 -2.79
C GLY A 226 9.17 -5.82 -4.29
N GLY A 227 8.38 -6.55 -5.07
CA GLY A 227 8.69 -6.68 -6.48
C GLY A 227 8.07 -5.63 -7.40
N ALA A 228 7.17 -4.81 -6.87
CA ALA A 228 6.41 -3.88 -7.69
C ALA A 228 6.52 -2.45 -7.18
N PRO A 229 6.03 -1.48 -7.98
CA PRO A 229 6.21 -0.08 -7.59
C PRO A 229 5.57 0.23 -6.25
N MET A 230 6.21 1.08 -5.44
CA MET A 230 5.63 1.41 -4.14
C MET A 230 4.84 2.73 -4.24
N ILE A 231 4.29 3.18 -3.12
CA ILE A 231 3.29 4.25 -3.18
C ILE A 231 3.78 5.52 -3.89
N ASP A 232 5.00 5.96 -3.57
CA ASP A 232 5.48 7.20 -4.17
C ASP A 232 5.83 7.02 -5.65
N ASP A 233 6.28 5.81 -6.02
CA ASP A 233 6.60 5.49 -7.41
C ASP A 233 5.33 5.50 -8.24
N ILE A 234 4.24 5.01 -7.68
CA ILE A 234 2.99 4.99 -8.42
C ILE A 234 2.55 6.44 -8.70
N ALA A 235 2.60 7.29 -7.68
CA ALA A 235 2.22 8.69 -7.88
C ALA A 235 3.13 9.33 -8.94
N ALA A 236 4.42 9.04 -8.84
CA ALA A 236 5.40 9.67 -9.73
C ALA A 236 5.19 9.26 -11.20
N ILE A 237 5.00 7.96 -11.43
CA ILE A 237 4.86 7.49 -12.80
C ILE A 237 3.53 7.98 -13.37
N GLN A 238 2.51 8.12 -12.51
CA GLN A 238 1.21 8.61 -12.98
C GLN A 238 1.28 10.11 -13.33
N ARG A 239 2.12 10.83 -12.60
CA ARG A 239 2.35 12.23 -12.91
C ARG A 239 2.93 12.37 -14.32
N LEU A 240 3.81 11.47 -14.71
CA LEU A 240 4.41 11.53 -16.04
C LEU A 240 3.47 11.07 -17.16
N TYR A 241 2.81 9.93 -16.98
CA TYR A 241 2.12 9.29 -18.10
C TYR A 241 0.60 9.18 -17.96
N GLY A 242 0.08 9.64 -16.84
CA GLY A 242 -1.34 9.50 -16.53
C GLY A 242 -1.63 8.18 -15.84
N ALA A 243 -2.71 8.15 -15.06
CA ALA A 243 -3.12 6.93 -14.37
C ALA A 243 -3.88 5.99 -15.30
N ASN A 244 -3.71 4.68 -15.09
CA ASN A 244 -4.40 3.67 -15.92
C ASN A 244 -5.70 3.32 -15.22
N MET A 245 -6.82 3.84 -15.74
CA MET A 245 -8.10 3.65 -15.08
C MET A 245 -8.85 2.41 -15.57
N THR A 246 -8.15 1.56 -16.34
CA THR A 246 -8.75 0.32 -16.82
C THR A 246 -8.35 -0.88 -15.97
N THR A 247 -7.51 -0.66 -14.96
CA THR A 247 -6.92 -1.78 -14.24
C THR A 247 -7.75 -2.27 -13.08
N ARG A 248 -8.09 -3.56 -13.10
CA ARG A 248 -8.82 -4.22 -12.01
C ARG A 248 -10.08 -3.46 -11.65
N THR A 249 -10.92 -3.15 -12.64
CA THR A 249 -12.12 -2.36 -12.36
C THR A 249 -13.29 -3.20 -11.84
N GLY A 250 -13.09 -4.52 -11.76
CA GLY A 250 -14.07 -5.41 -11.14
C GLY A 250 -13.87 -5.50 -9.64
N ASP A 251 -14.55 -6.44 -9.00
CA ASP A 251 -14.38 -6.63 -7.54
C ASP A 251 -13.09 -7.45 -7.33
N SER A 252 -12.07 -6.80 -6.77
CA SER A 252 -10.72 -7.39 -6.75
C SER A 252 -10.36 -7.80 -5.35
N VAL A 253 -9.71 -8.95 -5.22
CA VAL A 253 -9.29 -9.44 -3.90
C VAL A 253 -7.77 -9.51 -3.87
N TYR A 254 -7.19 -8.85 -2.86
CA TYR A 254 -5.74 -8.77 -2.68
C TYR A 254 -5.35 -9.61 -1.45
N GLY A 255 -4.26 -10.38 -1.55
CA GLY A 255 -3.83 -11.19 -0.43
C GLY A 255 -4.14 -12.66 -0.65
N PHE A 256 -4.79 -13.28 0.34
CA PHE A 256 -5.21 -14.66 0.15
C PHE A 256 -6.42 -14.70 -0.77
N ASN A 257 -6.60 -15.82 -1.47
CA ASN A 257 -7.76 -15.98 -2.34
C ASN A 257 -7.81 -14.88 -3.39
N SER A 258 -6.65 -14.42 -3.82
CA SER A 258 -6.60 -13.27 -4.73
C SER A 258 -7.07 -13.61 -6.13
N ASN A 259 -7.72 -12.66 -6.79
CA ASN A 259 -8.09 -12.86 -8.20
C ASN A 259 -7.33 -11.92 -9.12
N THR A 260 -6.16 -11.45 -8.66
CA THR A 260 -5.43 -10.42 -9.39
C THR A 260 -4.53 -10.99 -10.48
N ASP A 261 -4.16 -12.26 -10.36
CA ASP A 261 -3.18 -12.83 -11.29
C ASP A 261 -1.91 -11.98 -11.28
N ARG A 262 -1.55 -11.46 -10.11
CA ARG A 262 -0.26 -10.78 -9.93
C ARG A 262 0.44 -11.40 -8.72
N ASP A 263 1.66 -11.88 -8.92
CA ASP A 263 2.36 -12.52 -7.83
C ASP A 263 2.50 -11.63 -6.59
N PHE A 264 2.77 -10.34 -6.80
CA PHE A 264 3.03 -9.45 -5.68
C PHE A 264 1.79 -9.07 -4.88
N TYR A 265 0.61 -9.38 -5.42
CA TYR A 265 -0.63 -9.16 -4.67
C TYR A 265 -1.19 -10.45 -4.11
N THR A 266 -0.47 -11.56 -4.28
CA THR A 266 -1.03 -12.89 -3.97
C THR A 266 -0.25 -13.59 -2.88
N ALA A 267 -0.97 -14.13 -1.90
CA ALA A 267 -0.39 -15.00 -0.88
C ALA A 267 -1.06 -16.36 -1.01
N THR A 268 -0.28 -17.40 -1.26
CA THR A 268 -0.88 -18.73 -1.45
C THR A 268 -0.88 -19.56 -0.18
N ASP A 269 -0.04 -19.18 0.78
CA ASP A 269 -0.11 -19.78 2.10
C ASP A 269 0.53 -18.83 3.11
N SER A 270 0.47 -19.20 4.39
CA SER A 270 0.79 -18.26 5.48
C SER A 270 2.25 -17.90 5.57
N SER A 271 3.09 -18.62 4.82
CA SER A 271 4.53 -18.38 4.86
C SER A 271 4.92 -17.29 3.86
N LYS A 272 3.99 -16.91 3.00
CA LYS A 272 4.29 -15.92 1.96
C LYS A 272 4.19 -14.50 2.52
N ALA A 273 5.22 -13.71 2.26
CA ALA A 273 5.24 -12.32 2.68
C ALA A 273 4.60 -11.47 1.60
N LEU A 274 3.78 -10.51 2.00
CA LEU A 274 3.21 -9.59 1.03
C LEU A 274 3.85 -8.23 1.20
N ILE A 275 4.31 -7.66 0.09
CA ILE A 275 4.83 -6.30 0.09
C ILE A 275 4.31 -5.62 -1.16
N PHE A 276 3.37 -4.69 -0.99
CA PHE A 276 2.77 -4.07 -2.17
C PHE A 276 2.12 -2.74 -1.86
N SER A 277 1.95 -1.92 -2.90
CA SER A 277 1.09 -0.74 -2.82
C SER A 277 0.03 -0.93 -3.87
N VAL A 278 -1.23 -0.99 -3.47
CA VAL A 278 -2.26 -1.39 -4.43
C VAL A 278 -2.75 -0.24 -5.29
N TRP A 279 -2.83 -0.50 -6.59
CA TRP A 279 -3.53 0.35 -7.54
C TRP A 279 -4.77 -0.41 -7.99
N ASP A 280 -5.92 0.24 -7.96
CA ASP A 280 -7.16 -0.43 -8.35
C ASP A 280 -8.08 0.66 -8.84
N ALA A 281 -8.68 0.47 -10.03
CA ALA A 281 -9.40 1.57 -10.67
C ALA A 281 -10.92 1.45 -10.62
N GLY A 282 -11.47 0.50 -9.88
CA GLY A 282 -12.93 0.46 -9.78
C GLY A 282 -13.45 -0.77 -9.08
N GLY A 283 -14.73 -0.76 -8.67
CA GLY A 283 -15.32 -1.98 -8.14
C GLY A 283 -15.25 -2.09 -6.63
N THR A 284 -15.72 -3.20 -6.09
CA THR A 284 -15.78 -3.37 -4.65
C THR A 284 -14.70 -4.37 -4.28
N ASP A 285 -13.70 -3.91 -3.55
CA ASP A 285 -12.42 -4.66 -3.41
C ASP A 285 -12.15 -5.05 -1.98
N THR A 286 -11.37 -6.12 -1.79
CA THR A 286 -11.17 -6.68 -0.46
C THR A 286 -9.68 -6.93 -0.20
N PHE A 287 -9.21 -6.54 0.99
CA PHE A 287 -7.90 -6.98 1.47
C PHE A 287 -8.17 -8.27 2.29
N ASP A 288 -7.81 -9.42 1.74
CA ASP A 288 -8.03 -10.68 2.43
C ASP A 288 -6.71 -11.12 3.05
N PHE A 289 -6.53 -10.82 4.33
CA PHE A 289 -5.30 -11.22 5.02
C PHE A 289 -5.61 -12.32 6.05
N SER A 290 -6.55 -13.19 5.67
CA SER A 290 -7.13 -14.16 6.59
C SER A 290 -6.21 -15.33 6.93
N GLY A 291 -5.17 -15.55 6.14
CA GLY A 291 -4.33 -16.72 6.32
C GLY A 291 -3.20 -16.56 7.33
N TYR A 292 -3.07 -15.38 7.91
CA TYR A 292 -1.98 -15.13 8.86
C TYR A 292 -2.45 -15.23 10.30
N SER A 293 -1.54 -15.60 11.20
CA SER A 293 -1.88 -15.69 12.61
C SER A 293 -1.28 -14.53 13.40
N ASN A 294 -0.47 -13.71 12.75
CA ASN A 294 0.12 -12.53 13.39
C ASN A 294 -0.97 -11.52 13.78
N ASN A 295 -0.70 -10.71 14.80
CA ASN A 295 -1.57 -9.56 15.05
C ASN A 295 -1.34 -8.56 13.93
N GLN A 296 -2.39 -8.21 13.20
CA GLN A 296 -2.22 -7.31 12.06
C GLN A 296 -2.95 -5.99 12.27
N ARG A 297 -2.51 -4.97 11.55
CA ARG A 297 -3.21 -3.70 11.55
C ARG A 297 -3.50 -3.33 10.12
N ILE A 298 -4.78 -3.28 9.79
CA ILE A 298 -5.18 -3.13 8.40
C ILE A 298 -5.97 -1.83 8.24
N ASN A 299 -5.48 -0.93 7.41
CA ASN A 299 -6.08 0.39 7.25
C ASN A 299 -6.54 0.55 5.80
N LEU A 300 -7.84 0.79 5.62
CA LEU A 300 -8.39 0.92 4.26
C LEU A 300 -8.32 2.36 3.72
N ASN A 301 -7.74 3.27 4.49
CA ASN A 301 -7.68 4.66 4.00
C ASN A 301 -6.69 4.82 2.86
N GLU A 302 -7.11 5.53 1.82
CA GLU A 302 -6.25 5.91 0.70
C GLU A 302 -4.97 6.53 1.26
N GLY A 303 -3.82 6.09 0.74
CA GLY A 303 -2.53 6.61 1.16
C GLY A 303 -1.96 6.02 2.43
N SER A 304 -2.72 5.14 3.07
CA SER A 304 -2.29 4.64 4.39
C SER A 304 -1.53 3.32 4.32
N PHE A 305 -0.79 3.03 5.40
CA PHE A 305 0.00 1.82 5.51
C PHE A 305 -0.57 0.82 6.51
N SER A 306 -0.39 -0.46 6.21
CA SER A 306 -0.88 -1.54 7.06
C SER A 306 0.29 -2.41 7.49
N ASP A 307 0.11 -3.13 8.60
CA ASP A 307 1.11 -4.07 9.09
C ASP A 307 0.53 -5.47 8.94
N VAL A 308 1.04 -6.19 7.94
CA VAL A 308 0.35 -7.36 7.46
C VAL A 308 1.27 -8.58 7.58
N GLY A 309 0.75 -9.69 8.06
CA GLY A 309 1.51 -10.93 8.13
C GLY A 309 2.79 -10.87 8.96
N GLY A 310 2.77 -10.06 10.00
CA GLY A 310 3.93 -9.99 10.88
C GLY A 310 5.02 -9.03 10.44
N LEU A 311 4.83 -8.39 9.29
CA LEU A 311 5.72 -7.34 8.83
C LEU A 311 5.15 -5.99 9.22
N LYS A 312 5.94 -4.95 9.04
CA LYS A 312 5.49 -3.61 9.38
C LYS A 312 5.54 -2.69 8.16
N GLY A 313 4.43 -2.04 7.89
CA GLY A 313 4.38 -1.04 6.83
C GLY A 313 4.58 -1.67 5.47
N ASN A 314 4.17 -2.92 5.33
CA ASN A 314 4.43 -3.66 4.09
C ASN A 314 3.35 -3.54 3.03
N VAL A 315 2.18 -3.05 3.42
CA VAL A 315 1.06 -2.89 2.52
C VAL A 315 0.60 -1.45 2.58
N SER A 316 0.34 -0.86 1.42
CA SER A 316 -0.23 0.48 1.40
C SER A 316 -1.24 0.57 0.28
N ILE A 317 -2.03 1.64 0.30
CA ILE A 317 -3.05 1.87 -0.72
C ILE A 317 -2.67 3.14 -1.45
N ALA A 318 -2.49 3.05 -2.76
CA ALA A 318 -2.05 4.24 -3.49
C ALA A 318 -3.05 5.38 -3.42
N HIS A 319 -2.55 6.60 -3.60
CA HIS A 319 -3.44 7.75 -3.73
C HIS A 319 -4.34 7.55 -4.95
N GLY A 320 -5.61 7.90 -4.79
CA GLY A 320 -6.59 7.75 -5.86
C GLY A 320 -7.36 6.45 -5.83
N VAL A 321 -7.17 5.63 -4.79
CA VAL A 321 -7.76 4.29 -4.73
C VAL A 321 -8.69 4.10 -3.54
N THR A 322 -9.85 3.50 -3.75
CA THR A 322 -10.73 3.14 -2.63
C THR A 322 -10.87 1.62 -2.51
N ILE A 323 -10.39 1.07 -1.41
CA ILE A 323 -10.56 -0.35 -1.11
C ILE A 323 -11.66 -0.45 -0.05
N GLU A 324 -12.60 -1.38 -0.23
CA GLU A 324 -13.83 -1.34 0.54
C GLU A 324 -13.87 -2.29 1.73
N ASN A 325 -13.29 -3.49 1.59
CA ASN A 325 -13.49 -4.54 2.59
C ASN A 325 -12.16 -5.06 3.12
N ALA A 326 -12.18 -5.62 4.32
CA ALA A 326 -10.94 -6.21 4.86
C ALA A 326 -11.27 -7.43 5.70
N ILE A 327 -10.39 -8.42 5.66
CA ILE A 327 -10.55 -9.63 6.46
C ILE A 327 -9.26 -9.87 7.22
N GLY A 328 -9.35 -9.87 8.56
CA GLY A 328 -8.19 -10.16 9.42
C GLY A 328 -7.93 -11.65 9.48
N GLY A 329 -6.89 -12.05 10.23
CA GLY A 329 -6.53 -13.44 10.41
C GLY A 329 -6.83 -13.90 11.82
N SER A 330 -6.15 -14.94 12.29
CA SER A 330 -6.50 -15.48 13.60
C SER A 330 -5.84 -14.69 14.72
N GLY A 331 -5.06 -13.69 14.36
CA GLY A 331 -4.43 -12.84 15.35
C GLY A 331 -5.37 -11.81 15.93
N ASN A 332 -4.89 -11.05 16.90
CA ASN A 332 -5.65 -9.94 17.48
C ASN A 332 -5.38 -8.72 16.64
N ASP A 333 -6.34 -8.36 15.80
CA ASP A 333 -6.10 -7.40 14.73
C ASP A 333 -6.79 -6.08 14.97
N ILE A 334 -6.34 -5.06 14.24
CA ILE A 334 -7.06 -3.79 14.22
C ILE A 334 -7.47 -3.55 12.77
N LEU A 335 -8.76 -3.37 12.51
CA LEU A 335 -9.23 -3.09 11.14
C LEU A 335 -9.85 -1.71 11.12
N VAL A 336 -9.29 -0.83 10.30
CA VAL A 336 -9.76 0.54 10.23
C VAL A 336 -10.34 0.79 8.84
N GLY A 337 -11.64 1.06 8.78
CA GLY A 337 -12.29 1.37 7.52
C GLY A 337 -12.04 2.80 7.07
N ASN A 338 -12.68 3.17 5.98
CA ASN A 338 -12.57 4.53 5.46
C ASN A 338 -13.97 5.12 5.30
N SER A 339 -14.13 6.22 4.55
CA SER A 339 -15.46 6.84 4.50
C SER A 339 -16.46 6.09 3.64
N ALA A 340 -15.97 5.09 2.90
CA ALA A 340 -16.85 4.25 2.09
C ALA A 340 -17.63 3.27 2.97
N ASP A 341 -18.56 2.53 2.37
CA ASP A 341 -19.31 1.52 3.11
C ASP A 341 -18.44 0.27 3.11
N ASN A 342 -17.97 -0.14 4.29
CA ASN A 342 -16.98 -1.22 4.36
C ASN A 342 -17.57 -2.45 5.02
N ILE A 343 -17.16 -3.62 4.55
CA ILE A 343 -17.44 -4.86 5.27
C ILE A 343 -16.15 -5.31 5.91
N LEU A 344 -16.11 -5.34 7.25
CA LEU A 344 -14.89 -5.68 7.98
C LEU A 344 -15.12 -6.99 8.70
N GLN A 345 -14.17 -7.92 8.58
CA GLN A 345 -14.28 -9.20 9.28
C GLN A 345 -13.02 -9.42 10.09
N GLY A 346 -13.15 -9.46 11.42
CA GLY A 346 -11.95 -9.62 12.25
C GLY A 346 -11.33 -11.00 12.21
N GLY A 347 -12.14 -12.01 11.94
CA GLY A 347 -11.67 -13.39 12.00
C GLY A 347 -11.52 -13.81 13.45
N ALA A 348 -10.84 -14.92 13.70
CA ALA A 348 -10.65 -15.35 15.09
C ALA A 348 -9.72 -14.36 15.80
N GLY A 349 -9.50 -14.51 17.11
CA GLY A 349 -8.71 -13.51 17.80
C GLY A 349 -9.54 -12.34 18.29
N ASN A 350 -8.96 -11.53 19.15
CA ASN A 350 -9.67 -10.43 19.78
C ASN A 350 -9.38 -9.16 18.99
N ASP A 351 -10.34 -8.75 18.16
CA ASP A 351 -10.07 -7.72 17.17
C ASP A 351 -10.75 -6.40 17.50
N VAL A 352 -10.18 -5.31 16.99
CA VAL A 352 -10.79 -3.99 17.14
C VAL A 352 -11.20 -3.55 15.74
N LEU A 353 -12.50 -3.29 15.55
CA LEU A 353 -13.01 -2.88 14.24
C LEU A 353 -13.54 -1.46 14.32
N TYR A 354 -13.20 -0.64 13.33
CA TYR A 354 -13.63 0.75 13.31
C TYR A 354 -14.10 1.05 11.91
N GLY A 355 -15.41 1.20 11.73
CA GLY A 355 -15.94 1.40 10.40
C GLY A 355 -15.70 2.80 9.85
N GLY A 356 -15.62 3.80 10.72
CA GLY A 356 -15.50 5.17 10.27
C GLY A 356 -16.80 5.65 9.66
N ALA A 357 -16.74 6.66 8.81
CA ALA A 357 -17.95 7.16 8.14
C ALA A 357 -18.51 6.11 7.19
N GLY A 358 -19.73 6.32 6.71
CA GLY A 358 -20.34 5.34 5.84
C GLY A 358 -21.10 4.29 6.61
N ALA A 359 -21.90 3.50 5.89
CA ALA A 359 -22.72 2.46 6.46
C ALA A 359 -21.93 1.18 6.35
N ASP A 360 -21.33 0.74 7.44
CA ASP A 360 -20.41 -0.40 7.39
C ASP A 360 -21.10 -1.63 7.92
N THR A 361 -20.58 -2.80 7.57
CA THR A 361 -21.16 -4.04 8.12
C THR A 361 -20.02 -4.77 8.78
N LEU A 362 -20.17 -5.09 10.07
CA LEU A 362 -19.04 -5.53 10.87
C LEU A 362 -19.26 -6.92 11.43
N TYR A 363 -18.27 -7.79 11.26
CA TYR A 363 -18.27 -9.15 11.78
C TYR A 363 -17.05 -9.28 12.67
N GLY A 364 -17.24 -9.36 13.98
CA GLY A 364 -16.09 -9.52 14.85
C GLY A 364 -15.40 -10.88 14.70
N GLY A 365 -16.17 -11.91 14.36
CA GLY A 365 -15.65 -13.27 14.27
C GLY A 365 -15.58 -13.90 15.65
N ALA A 366 -15.00 -15.08 15.74
CA ALA A 366 -14.74 -15.70 17.04
C ALA A 366 -13.87 -14.73 17.83
N GLY A 367 -13.92 -14.79 19.16
CA GLY A 367 -13.06 -13.94 19.98
C GLY A 367 -13.78 -12.78 20.63
N ARG A 368 -13.09 -12.10 21.54
CA ARG A 368 -13.67 -10.95 22.23
C ARG A 368 -13.35 -9.69 21.43
N ASP A 369 -14.33 -9.24 20.66
CA ASP A 369 -14.09 -8.16 19.70
C ASP A 369 -14.68 -6.86 20.18
N THR A 370 -14.14 -5.76 19.67
CA THR A 370 -14.61 -4.43 20.07
C THR A 370 -14.90 -3.61 18.83
N PHE A 371 -16.11 -3.08 18.80
CA PHE A 371 -16.56 -2.28 17.67
C PHE A 371 -16.53 -0.83 18.10
N VAL A 372 -15.67 -0.03 17.48
CA VAL A 372 -15.38 1.32 17.96
C VAL A 372 -16.05 2.41 17.15
N TYR A 373 -16.64 3.38 17.85
CA TYR A 373 -17.26 4.56 17.27
C TYR A 373 -16.58 5.82 17.78
N GLY A 374 -16.03 6.60 16.86
CA GLY A 374 -15.29 7.81 17.23
C GLY A 374 -16.05 9.11 17.07
N SER A 375 -17.26 9.04 16.52
CA SER A 375 -17.98 10.26 16.18
C SER A 375 -19.43 9.91 15.89
N GLY A 376 -20.32 10.87 16.11
CA GLY A 376 -21.71 10.71 15.73
C GLY A 376 -21.83 10.49 14.23
N GLN A 377 -20.86 10.99 13.48
CA GLN A 377 -20.90 10.84 12.02
C GLN A 377 -20.57 9.42 11.53
N ASP A 378 -20.16 8.54 12.44
CA ASP A 378 -19.77 7.19 12.02
C ASP A 378 -20.98 6.34 11.67
N SER A 379 -22.14 6.63 12.25
CA SER A 379 -23.28 5.76 12.05
C SER A 379 -24.57 6.57 12.17
N THR A 380 -24.79 7.44 11.18
CA THR A 380 -26.00 8.25 11.16
C THR A 380 -27.21 7.37 10.85
N VAL A 381 -28.39 7.82 11.23
CA VAL A 381 -29.58 7.04 10.92
C VAL A 381 -29.71 6.85 9.40
N ALA A 382 -29.34 7.86 8.63
CA ALA A 382 -29.47 7.81 7.16
C ALA A 382 -28.48 6.84 6.49
N ALA A 383 -27.48 6.39 7.25
CA ALA A 383 -26.46 5.49 6.71
C ALA A 383 -25.84 4.68 7.84
N TYR A 384 -26.67 3.90 8.52
CA TYR A 384 -26.26 3.25 9.77
C TYR A 384 -25.41 2.00 9.53
N ASP A 385 -24.54 1.73 10.48
CA ASP A 385 -23.80 0.47 10.54
C ASP A 385 -24.70 -0.69 10.93
N TRP A 386 -24.30 -1.88 10.49
CA TRP A 386 -24.82 -3.14 11.04
C TRP A 386 -23.65 -3.82 11.74
N ILE A 387 -23.89 -4.40 12.92
CA ILE A 387 -22.93 -5.34 13.51
C ILE A 387 -23.62 -6.69 13.46
N ALA A 388 -23.12 -7.58 12.61
CA ALA A 388 -23.91 -8.73 12.20
C ALA A 388 -23.72 -10.00 13.03
N ASP A 389 -22.71 -10.03 13.87
CA ASP A 389 -22.41 -11.25 14.62
C ASP A 389 -22.08 -10.97 16.09
N PHE A 390 -22.69 -9.91 16.61
CA PHE A 390 -22.39 -9.47 17.98
C PHE A 390 -22.67 -10.57 19.00
N GLN A 391 -21.74 -10.73 19.94
CA GLN A 391 -21.88 -11.73 21.01
C GLN A 391 -22.08 -11.06 22.36
N LYS A 392 -23.31 -11.12 22.86
CA LYS A 392 -23.62 -10.54 24.16
C LYS A 392 -22.72 -11.17 25.21
N GLY A 393 -22.13 -10.32 26.06
CA GLY A 393 -21.29 -10.78 27.16
C GLY A 393 -19.85 -11.03 26.77
N ILE A 394 -19.55 -10.88 25.48
CA ILE A 394 -18.24 -11.27 24.96
C ILE A 394 -17.62 -10.13 24.18
N ASP A 395 -18.37 -9.64 23.19
CA ASP A 395 -17.96 -8.47 22.43
C ASP A 395 -18.28 -7.17 23.18
N LYS A 396 -17.74 -6.07 22.67
CA LYS A 396 -17.97 -4.75 23.24
C LYS A 396 -18.25 -3.74 22.14
N ILE A 397 -19.10 -2.76 22.43
CA ILE A 397 -19.24 -1.59 21.56
C ILE A 397 -18.65 -0.41 22.31
N ASP A 398 -17.63 0.21 21.73
CA ASP A 398 -16.91 1.30 22.40
C ASP A 398 -17.38 2.68 21.99
N LEU A 399 -18.00 3.39 22.93
CA LEU A 399 -18.52 4.74 22.71
C LEU A 399 -17.80 5.74 23.58
N SER A 400 -16.59 5.40 24.01
CA SER A 400 -15.84 6.25 24.94
C SER A 400 -15.44 7.59 24.30
N ALA A 401 -15.32 7.62 22.98
CA ALA A 401 -14.98 8.87 22.30
C ALA A 401 -16.00 9.98 22.55
N PHE A 402 -17.24 9.60 22.86
CA PHE A 402 -18.27 10.59 23.08
C PHE A 402 -18.10 11.33 24.41
N ARG A 403 -17.20 10.85 25.25
CA ARG A 403 -16.87 11.53 26.51
C ARG A 403 -16.42 12.98 26.27
N ASN A 404 -15.78 13.22 25.12
CA ASN A 404 -15.25 14.55 24.80
C ASN A 404 -16.29 15.66 24.94
N GLU A 405 -17.57 15.27 24.85
CA GLU A 405 -18.66 16.22 24.95
C GLU A 405 -19.56 15.83 26.12
N GLY A 406 -19.08 14.90 26.95
CA GLY A 406 -19.82 14.47 28.12
C GLY A 406 -20.18 13.00 28.07
N GLN A 407 -19.69 12.24 29.04
CA GLN A 407 -19.89 10.79 29.06
C GLN A 407 -21.37 10.42 28.88
N LEU A 408 -21.62 9.50 27.95
CA LEU A 408 -22.98 9.05 27.70
C LEU A 408 -23.59 8.40 28.94
N SER A 409 -24.88 8.67 29.16
CA SER A 409 -25.65 7.96 30.17
C SER A 409 -26.51 6.92 29.47
N PHE A 410 -26.50 5.71 30.00
CA PHE A 410 -27.33 4.64 29.46
C PHE A 410 -28.75 4.78 30.00
N VAL A 411 -29.75 4.73 29.13
CA VAL A 411 -31.13 4.80 29.57
C VAL A 411 -31.85 3.53 29.17
N GLN A 412 -32.86 3.16 29.94
CA GLN A 412 -33.47 1.85 29.80
C GLN A 412 -34.47 1.75 28.65
N ASP A 413 -35.38 2.70 28.52
CA ASP A 413 -36.35 2.59 27.43
C ASP A 413 -36.93 3.91 26.96
N GLN A 414 -36.43 5.02 27.49
CA GLN A 414 -36.85 6.32 27.00
C GLN A 414 -35.74 7.35 27.17
N PHE A 415 -35.66 8.27 26.22
CA PHE A 415 -34.73 9.39 26.32
C PHE A 415 -35.38 10.50 27.13
N THR A 416 -34.57 11.28 27.82
CA THR A 416 -35.10 12.36 28.65
C THR A 416 -35.19 13.65 27.85
N GLY A 417 -34.44 13.70 26.76
CA GLY A 417 -34.35 14.90 25.95
C GLY A 417 -33.14 15.74 26.31
N LYS A 418 -32.43 15.35 27.36
CA LYS A 418 -31.24 16.07 27.81
C LYS A 418 -30.02 15.85 26.92
N GLY A 419 -30.01 14.76 26.16
CA GLY A 419 -28.87 14.46 25.31
C GLY A 419 -27.78 13.68 26.02
N GLN A 420 -26.77 13.27 25.25
CA GLN A 420 -25.73 12.36 25.71
C GLN A 420 -26.31 11.12 26.40
N GLU A 421 -27.26 10.49 25.73
CA GLU A 421 -27.86 9.25 26.23
C GLU A 421 -27.78 8.16 25.18
N VAL A 422 -27.68 6.91 25.64
CA VAL A 422 -27.66 5.78 24.73
C VAL A 422 -28.65 4.72 25.23
N MET A 423 -29.32 4.05 24.31
CA MET A 423 -30.35 3.10 24.68
C MET A 423 -30.20 1.90 23.78
N LEU A 424 -30.52 0.72 24.32
CA LEU A 424 -30.62 -0.46 23.50
C LEU A 424 -32.09 -0.84 23.39
N GLN A 425 -32.57 -0.96 22.17
CA GLN A 425 -33.99 -1.24 21.94
C GLN A 425 -34.13 -2.58 21.20
N TRP A 426 -34.84 -3.50 21.81
CA TRP A 426 -34.98 -4.85 21.26
C TRP A 426 -36.21 -4.97 20.40
N ASP A 427 -36.00 -5.36 19.14
CA ASP A 427 -37.08 -5.64 18.21
C ASP A 427 -37.29 -7.16 18.25
N ALA A 428 -38.23 -7.60 19.08
CA ALA A 428 -38.41 -9.03 19.29
C ALA A 428 -38.83 -9.79 18.04
N ALA A 429 -39.61 -9.14 17.19
CA ALA A 429 -40.08 -9.78 15.96
C ALA A 429 -38.94 -10.20 15.04
N ASN A 430 -37.91 -9.37 14.97
CA ASN A 430 -36.80 -9.60 14.05
C ASN A 430 -35.50 -10.02 14.73
N SER A 431 -35.50 -10.02 16.07
CA SER A 431 -34.30 -10.32 16.85
C SER A 431 -33.15 -9.37 16.51
N ILE A 432 -33.48 -8.08 16.41
CA ILE A 432 -32.50 -7.06 16.13
C ILE A 432 -32.46 -6.14 17.34
N THR A 433 -31.25 -5.76 17.76
CA THR A 433 -31.11 -4.74 18.80
C THR A 433 -30.70 -3.45 18.14
N ASN A 434 -31.50 -2.40 18.32
CA ASN A 434 -31.13 -1.08 17.81
C ASN A 434 -30.47 -0.27 18.89
N LEU A 435 -29.22 0.12 18.64
CA LEU A 435 -28.51 0.98 19.57
C LEU A 435 -28.72 2.42 19.13
N TRP A 436 -29.44 3.19 19.95
CA TRP A 436 -29.72 4.59 19.63
C TRP A 436 -28.89 5.47 20.54
N LEU A 437 -28.29 6.49 19.97
CA LEU A 437 -27.48 7.42 20.74
C LEU A 437 -27.98 8.81 20.44
N HIS A 438 -28.45 9.51 21.48
CA HIS A 438 -28.91 10.88 21.32
C HIS A 438 -27.82 11.84 21.79
N GLU A 439 -27.22 12.57 20.85
CA GLU A 439 -26.11 13.49 21.13
C GLU A 439 -26.61 14.86 21.57
N ALA A 440 -25.92 15.47 22.52
CA ALA A 440 -26.27 16.81 22.98
C ALA A 440 -26.24 17.79 21.81
N GLY A 441 -27.29 18.60 21.68
CA GLY A 441 -27.33 19.61 20.64
C GLY A 441 -27.96 19.08 19.36
N HIS A 442 -28.40 17.83 19.40
CA HIS A 442 -29.17 17.25 18.31
C HIS A 442 -30.62 17.22 18.74
N SER A 443 -31.49 17.81 17.93
CA SER A 443 -32.91 17.86 18.28
C SER A 443 -33.63 16.55 17.95
N SER A 444 -33.04 15.77 17.05
CA SER A 444 -33.53 14.42 16.76
C SER A 444 -32.45 13.40 17.15
N VAL A 445 -32.85 12.13 17.29
CA VAL A 445 -31.87 11.09 17.61
C VAL A 445 -31.22 10.68 16.29
N ASP A 446 -29.94 10.99 16.12
CA ASP A 446 -29.31 10.89 14.80
C ASP A 446 -28.27 9.79 14.63
N PHE A 447 -28.05 8.98 15.66
CA PHE A 447 -27.03 7.92 15.62
C PHE A 447 -27.71 6.59 15.94
N LEU A 448 -27.47 5.60 15.09
CA LEU A 448 -28.09 4.29 15.23
C LEU A 448 -27.07 3.26 14.76
N VAL A 449 -26.89 2.19 15.55
CA VAL A 449 -26.17 1.02 15.07
C VAL A 449 -27.13 -0.15 15.22
N ARG A 450 -27.37 -0.92 14.14
CA ARG A 450 -28.30 -2.05 14.24
C ARG A 450 -27.49 -3.33 14.43
N ILE A 451 -27.97 -4.19 15.32
CA ILE A 451 -27.19 -5.34 15.77
C ILE A 451 -28.02 -6.60 15.54
N VAL A 452 -27.46 -7.55 14.81
CA VAL A 452 -28.19 -8.80 14.60
C VAL A 452 -27.87 -9.69 15.78
N GLY A 453 -28.68 -9.56 16.82
CA GLY A 453 -28.45 -10.31 18.03
C GLY A 453 -28.80 -9.48 19.24
N GLN A 454 -28.74 -10.10 20.41
CA GLN A 454 -29.01 -9.39 21.66
C GLN A 454 -27.74 -8.67 22.11
N ALA A 455 -27.91 -7.64 22.94
CA ALA A 455 -26.79 -6.96 23.55
C ALA A 455 -27.21 -6.51 24.94
N ALA A 456 -26.24 -6.37 25.83
CA ALA A 456 -26.52 -5.99 27.21
C ALA A 456 -25.89 -4.63 27.49
N GLN A 457 -26.45 -3.90 28.44
CA GLN A 457 -25.89 -2.63 28.84
C GLN A 457 -24.41 -2.77 29.15
N SER A 458 -24.03 -3.90 29.78
CA SER A 458 -22.63 -4.08 30.17
C SER A 458 -21.69 -4.39 29.02
N ASP A 459 -22.26 -4.54 27.81
CA ASP A 459 -21.44 -4.73 26.59
C ASP A 459 -21.08 -3.38 25.98
N ILE A 460 -21.70 -2.32 26.49
CA ILE A 460 -21.51 -1.00 25.91
C ILE A 460 -20.55 -0.19 26.75
N ILE A 461 -19.43 0.21 26.15
CA ILE A 461 -18.44 0.98 26.87
C ILE A 461 -18.70 2.47 26.70
N VAL A 462 -19.05 3.15 27.79
CA VAL A 462 -19.26 4.58 27.72
C VAL A 462 -18.17 5.34 28.45
N ALA B 1 21.72 10.28 -18.82
CA ALA B 1 22.15 10.24 -17.43
C ALA B 1 21.87 8.86 -16.81
N LYS B 2 22.80 8.41 -15.98
CA LYS B 2 22.79 7.04 -15.47
C LYS B 2 22.45 6.97 -13.98
N ALA B 3 21.55 6.05 -13.63
CA ALA B 3 21.23 5.76 -12.25
C ALA B 3 21.72 4.34 -11.96
N ALA B 4 22.63 4.20 -11.00
CA ALA B 4 23.30 2.91 -10.73
C ALA B 4 22.89 2.27 -9.40
CA CA C . -11.23 -3.42 -8.33
CA CA D . -12.97 0.03 -4.90
CA CA E . -8.39 -11.56 13.96
CA CA F . -16.62 3.15 6.50
CA CA G . -12.45 -11.81 16.32
CA CA H . -16.55 -11.89 18.64
ZN ZN I . 18.82 3.12 -9.40
ZN ZN J . 15.96 4.73 -8.27
ZN ZN K . 8.82 -12.84 -0.12
CA CA L . -19.76 3.67 9.80
CL CL M . -13.85 7.64 7.77
CL CL N . -35.18 -4.62 9.26
#